data_4YWD
#
_entry.id   4YWD
#
_cell.length_a   45.340
_cell.length_b   119.405
_cell.length_c   61.015
_cell.angle_alpha   90.00
_cell.angle_beta   109.16
_cell.angle_gamma   90.00
#
_symmetry.space_group_name_H-M   'P 1 21 1'
#
loop_
_entity.id
_entity.type
_entity.pdbx_description
1 polymer 'Phosphoenolpyruvate carboxykinase, cytosolic [GTP]'
2 non-polymer 'MANGANESE (II) ION'
3 non-polymer 'SODIUM ION'
4 non-polymer 'QUINOLINIC ACID'
5 water water
#
_entity_poly.entity_id   1
_entity_poly.type   'polypeptide(L)'
_entity_poly.pdbx_seq_one_letter_code
;MPPQLHNGLDFSAKVIQGSLDSLPQEVRKFVEGNAQLCQPEYIHICDGSEEEYGRLLAHMQEEGVIRKLKKYDNCWLALT
DPRDVARIESKTVIITQEQRDTVPIPKSGQSQLGRWMSEEDFEKAFNARFPGCMKGRTMYVIPFSMGPLGSPLAKIGIEL
TDSPYVVASMRIMTRMGTSVLEALGDGEFIKCLHSVGCPLPLKKPLVNNWACNPELTLIAHLPDRREIISFGSGYGGNSL
LGKKCFALRIASRLAKEEGWLAEHMLILGITNPEGKKKYLAAAFPSACGKTNLAMMNPTLPGWKVECVGDDIAWMKFDAQ
GNLRAINPENGFFGVAPGTSVKTNPNAIKTIQKNTIFTNVAETSDGGVYWEGIDEPLAPGVTITSWKNKEWRPQDEEPCA
HPNSRFCTPASQCPIIDPAWESPEGVPIEGIIFGGRRPAGVPLVYEALSWQHGVFVGAAMRSEATAAAEHKGKVIMHDPF
AMRPFFGYNFGKYLAHWLSMAHRPAAKLPKIFHVNWFRKDKNGKFLWPGFGENSRVLEWMFGRIEGEDSAKLTPIGYVPK
EDALNLKGLGDVNVEELFGISKEFWEKEVEEIDKYLEDQVNADLPYEIERELRALKQRISQM
;
_entity_poly.pdbx_strand_id   A
#
# COMPACT_ATOMS: atom_id res chain seq x y z
N LEU A 9 -37.25 -8.53 8.77
CA LEU A 9 -36.28 -9.54 9.31
C LEU A 9 -35.71 -10.39 8.17
N ASP A 10 -36.59 -11.05 7.42
CA ASP A 10 -36.19 -11.86 6.27
C ASP A 10 -36.10 -10.98 5.02
N PHE A 11 -34.90 -10.86 4.47
CA PHE A 11 -34.64 -10.02 3.30
C PHE A 11 -34.53 -10.82 1.99
N SER A 12 -34.96 -12.08 2.03
CA SER A 12 -34.91 -12.96 0.85
C SER A 12 -35.62 -12.35 -0.36
N ALA A 13 -36.70 -11.63 -0.12
CA ALA A 13 -37.48 -11.03 -1.21
C ALA A 13 -36.72 -9.92 -1.96
N LYS A 14 -35.65 -9.38 -1.36
CA LYS A 14 -34.86 -8.29 -1.96
C LYS A 14 -33.54 -8.72 -2.61
N VAL A 15 -33.26 -10.02 -2.61
CA VAL A 15 -32.05 -10.55 -3.25
C VAL A 15 -32.28 -10.61 -4.76
N ILE A 16 -31.40 -9.94 -5.51
CA ILE A 16 -31.49 -9.90 -6.97
C ILE A 16 -30.42 -10.76 -7.65
N GLN A 17 -29.49 -11.29 -6.87
CA GLN A 17 -28.56 -12.30 -7.35
C GLN A 17 -28.04 -13.15 -6.19
N GLY A 18 -27.92 -14.45 -6.44
CA GLY A 18 -27.52 -15.40 -5.41
C GLY A 18 -28.70 -15.76 -4.53
N SER A 19 -28.39 -16.19 -3.32
CA SER A 19 -29.39 -16.71 -2.39
C SER A 19 -28.86 -16.54 -0.96
N LEU A 20 -29.71 -16.04 -0.05
CA LEU A 20 -29.38 -16.02 1.37
C LEU A 20 -29.20 -17.44 1.89
N ASP A 21 -30.12 -18.33 1.50
CA ASP A 21 -30.09 -19.74 1.91
C ASP A 21 -28.76 -20.42 1.61
N SER A 22 -28.16 -20.10 0.47
CA SER A 22 -26.93 -20.77 0.05
C SER A 22 -25.68 -20.26 0.77
N LEU A 23 -25.74 -19.08 1.38
CA LEU A 23 -24.60 -18.55 2.15
C LEU A 23 -24.41 -19.31 3.46
N PRO A 24 -23.16 -19.38 3.95
CA PRO A 24 -22.88 -19.88 5.31
C PRO A 24 -23.60 -19.08 6.41
N GLN A 25 -24.00 -19.77 7.46
CA GLN A 25 -24.85 -19.17 8.50
C GLN A 25 -24.36 -17.80 8.97
N GLU A 26 -23.07 -17.70 9.28
CA GLU A 26 -22.51 -16.46 9.82
C GLU A 26 -22.37 -15.38 8.75
N VAL A 27 -22.29 -15.80 7.49
CA VAL A 27 -22.30 -14.84 6.39
C VAL A 27 -23.72 -14.33 6.19
N ARG A 28 -24.71 -15.22 6.28
CA ARG A 28 -26.09 -14.78 6.19
C ARG A 28 -26.43 -13.76 7.28
N LYS A 29 -26.00 -14.03 8.51
CA LYS A 29 -26.29 -13.10 9.63
C LYS A 29 -25.70 -11.71 9.39
N PHE A 30 -24.46 -11.66 8.95
CA PHE A 30 -23.76 -10.40 8.67
C PHE A 30 -24.51 -9.60 7.60
N VAL A 31 -24.84 -10.27 6.50
CA VAL A 31 -25.59 -9.66 5.41
C VAL A 31 -26.94 -9.13 5.90
N GLU A 32 -27.70 -10.01 6.56
CA GLU A 32 -29.08 -9.70 6.92
C GLU A 32 -29.17 -8.67 8.01
N GLY A 33 -28.33 -8.80 9.03
CA GLY A 33 -28.30 -7.85 10.14
C GLY A 33 -28.01 -6.46 9.64
N ASN A 34 -27.10 -6.36 8.68
CA ASN A 34 -26.77 -5.09 8.07
C ASN A 34 -27.79 -4.62 7.04
N ALA A 35 -28.49 -5.56 6.39
CA ALA A 35 -29.61 -5.18 5.54
C ALA A 35 -30.72 -4.55 6.38
N GLN A 36 -30.99 -5.10 7.56
CA GLN A 36 -31.99 -4.54 8.48
C GLN A 36 -31.59 -3.14 8.93
N LEU A 37 -30.31 -2.96 9.17
CA LEU A 37 -29.79 -1.69 9.65
C LEU A 37 -29.75 -0.64 8.55
N CYS A 38 -29.14 -0.96 7.43
CA CYS A 38 -28.92 0.02 6.37
C CYS A 38 -30.11 0.21 5.45
N GLN A 39 -30.98 -0.78 5.39
CA GLN A 39 -32.20 -0.74 4.59
C GLN A 39 -31.95 -0.55 3.07
N PRO A 40 -31.10 -1.42 2.48
CA PRO A 40 -30.99 -1.41 1.03
C PRO A 40 -32.29 -1.80 0.34
N GLU A 41 -32.49 -1.28 -0.87
CA GLU A 41 -33.63 -1.67 -1.69
C GLU A 41 -33.46 -3.12 -2.17
N TYR A 42 -32.23 -3.46 -2.57
CA TYR A 42 -31.91 -4.78 -3.08
C TYR A 42 -30.64 -5.32 -2.43
N ILE A 43 -30.47 -6.63 -2.52
CA ILE A 43 -29.21 -7.27 -2.16
C ILE A 43 -28.68 -8.08 -3.34
N HIS A 44 -27.41 -7.83 -3.67
CA HIS A 44 -26.74 -8.42 -4.81
C HIS A 44 -25.53 -9.18 -4.30
N ILE A 45 -25.60 -10.51 -4.32
CA ILE A 45 -24.48 -11.33 -3.89
C ILE A 45 -23.57 -11.51 -5.11
N CYS A 46 -22.37 -10.94 -5.06
CA CYS A 46 -21.46 -10.94 -6.21
C CYS A 46 -20.93 -12.35 -6.52
N ASP A 47 -20.97 -12.73 -7.80
CA ASP A 47 -20.37 -14.00 -8.24
C ASP A 47 -18.97 -13.82 -8.84
N GLY A 48 -18.54 -12.58 -9.09
CA GLY A 48 -17.20 -12.29 -9.60
C GLY A 48 -17.01 -12.57 -11.09
N SER A 49 -18.08 -12.92 -11.78
CA SER A 49 -18.04 -13.31 -13.20
C SER A 49 -17.80 -12.10 -14.11
N GLU A 50 -17.35 -12.38 -15.34
CA GLU A 50 -17.18 -11.33 -16.34
C GLU A 50 -18.52 -10.71 -16.71
N GLU A 51 -19.54 -11.55 -16.88
CA GLU A 51 -20.89 -11.08 -17.18
C GLU A 51 -21.33 -10.04 -16.14
N GLU A 52 -21.20 -10.39 -14.86
CA GLU A 52 -21.53 -9.48 -13.77
C GLU A 52 -20.76 -8.15 -13.85
N TYR A 53 -19.47 -8.27 -14.11
CA TYR A 53 -18.54 -7.15 -14.20
C TYR A 53 -18.90 -6.20 -15.35
N GLY A 54 -18.99 -6.76 -16.56
CA GLY A 54 -19.31 -5.97 -17.75
C GLY A 54 -20.64 -5.25 -17.66
N ARG A 55 -21.63 -5.89 -17.04
CA ARG A 55 -22.98 -5.32 -16.93
C ARG A 55 -23.04 -4.21 -15.89
N LEU A 56 -22.25 -4.36 -14.82
CA LEU A 56 -22.20 -3.33 -13.79
C LEU A 56 -21.49 -2.06 -14.31
N LEU A 57 -20.41 -2.25 -15.06
CA LEU A 57 -19.71 -1.15 -15.74
C LEU A 57 -20.64 -0.40 -16.70
N ALA A 58 -21.33 -1.16 -17.55
CA ALA A 58 -22.30 -0.58 -18.48
C ALA A 58 -23.39 0.22 -17.74
N HIS A 59 -23.79 -0.27 -16.57
CA HIS A 59 -24.81 0.42 -15.78
C HIS A 59 -24.29 1.70 -15.11
N MET A 60 -23.07 1.67 -14.62
CA MET A 60 -22.44 2.89 -14.12
C MET A 60 -22.32 3.89 -15.25
N GLN A 61 -22.02 3.40 -16.46
CA GLN A 61 -21.97 4.25 -17.67
C GLN A 61 -23.32 4.90 -17.99
N GLU A 62 -24.41 4.12 -17.91
CA GLU A 62 -25.77 4.63 -18.12
C GLU A 62 -26.08 5.82 -17.21
N GLU A 63 -25.66 5.72 -15.95
CA GLU A 63 -26.00 6.72 -14.93
C GLU A 63 -24.97 7.85 -14.78
N GLY A 64 -24.09 8.00 -15.77
CA GLY A 64 -23.04 9.02 -15.77
C GLY A 64 -21.98 8.87 -14.69
N VAL A 65 -21.92 7.69 -14.04
CA VAL A 65 -21.00 7.46 -12.93
C VAL A 65 -19.57 7.22 -13.45
N ILE A 66 -19.45 6.50 -14.56
CA ILE A 66 -18.17 6.34 -15.24
C ILE A 66 -18.29 6.59 -16.73
N ARG A 67 -17.17 6.88 -17.37
CA ARG A 67 -17.09 7.06 -18.82
C ARG A 67 -16.16 6.00 -19.41
N LYS A 68 -16.57 5.40 -20.52
CA LYS A 68 -15.69 4.49 -21.24
C LYS A 68 -14.61 5.27 -21.98
N LEU A 69 -13.41 4.70 -22.04
CA LEU A 69 -12.28 5.29 -22.74
C LEU A 69 -12.12 4.57 -24.08
N LYS A 70 -12.64 5.17 -25.14
CA LYS A 70 -12.77 4.50 -26.44
C LYS A 70 -11.43 4.11 -27.09
N LYS A 71 -10.35 4.76 -26.68
CA LYS A 71 -9.02 4.47 -27.26
C LYS A 71 -8.47 3.11 -26.85
N TYR A 72 -8.90 2.58 -25.71
CA TYR A 72 -8.30 1.34 -25.18
C TYR A 72 -9.31 0.20 -25.12
N ASP A 73 -8.80 -0.98 -24.83
CA ASP A 73 -9.61 -2.19 -24.69
C ASP A 73 -10.20 -2.28 -23.28
N ASN A 74 -11.49 -2.01 -23.18
CA ASN A 74 -12.24 -2.13 -21.92
C ASN A 74 -11.59 -1.33 -20.77
N CYS A 75 -11.42 -0.03 -20.99
CA CYS A 75 -10.93 0.86 -19.93
C CYS A 75 -11.96 1.92 -19.61
N TRP A 76 -11.92 2.41 -18.37
CA TRP A 76 -12.96 3.28 -17.86
C TRP A 76 -12.39 4.43 -17.03
N LEU A 77 -13.13 5.52 -16.97
CA LEU A 77 -12.71 6.72 -16.25
C LEU A 77 -13.82 7.19 -15.31
N ALA A 78 -13.48 7.35 -14.03
CA ALA A 78 -14.34 7.96 -13.04
C ALA A 78 -13.73 9.28 -12.59
N LEU A 79 -14.54 10.34 -12.59
CA LEU A 79 -14.15 11.64 -12.03
C LEU A 79 -14.96 11.89 -10.77
N THR A 80 -14.28 12.14 -9.65
CA THR A 80 -14.96 12.22 -8.37
C THR A 80 -15.30 13.66 -7.93
N ASP A 81 -16.07 13.73 -6.84
CA ASP A 81 -16.28 14.95 -6.10
C ASP A 81 -14.90 15.44 -5.63
N PRO A 82 -14.55 16.71 -5.89
CA PRO A 82 -13.22 17.19 -5.45
C PRO A 82 -12.96 17.02 -3.95
N ARG A 83 -14.03 17.00 -3.14
CA ARG A 83 -13.94 16.77 -1.70
C ARG A 83 -13.55 15.35 -1.28
N ASP A 84 -13.68 14.38 -2.18
CA ASP A 84 -13.42 12.96 -1.86
C ASP A 84 -12.36 12.41 -2.81
N VAL A 85 -11.08 12.64 -2.49
CA VAL A 85 -9.97 12.32 -3.41
C VAL A 85 -8.75 11.65 -2.77
N ALA A 86 -8.85 11.24 -1.52
CA ALA A 86 -7.72 10.62 -0.82
C ALA A 86 -8.12 10.08 0.54
N ARG A 87 -7.24 9.26 1.12
CA ARG A 87 -7.38 8.87 2.52
C ARG A 87 -7.36 10.10 3.43
N ILE A 88 -8.20 10.08 4.46
CA ILE A 88 -8.27 11.14 5.46
C ILE A 88 -7.82 10.55 6.79
N GLU A 89 -6.56 10.80 7.17
CA GLU A 89 -6.01 10.21 8.40
C GLU A 89 -6.72 10.71 9.66
N SER A 90 -7.10 11.97 9.69
CA SER A 90 -7.81 12.54 10.84
C SER A 90 -9.21 11.92 11.07
N LYS A 91 -9.69 11.14 10.10
CA LYS A 91 -10.97 10.45 10.23
C LYS A 91 -10.84 8.93 10.12
N THR A 92 -9.61 8.45 10.33
CA THR A 92 -9.30 7.02 10.27
C THR A 92 -8.92 6.60 11.68
N VAL A 93 -9.66 5.62 12.25
CA VAL A 93 -9.54 5.27 13.67
C VAL A 93 -9.51 3.75 13.93
N ILE A 94 -8.85 3.37 15.02
CA ILE A 94 -8.88 2.01 15.53
C ILE A 94 -9.51 2.02 16.93
N ILE A 95 -10.45 1.10 17.16
CA ILE A 95 -11.16 0.98 18.43
C ILE A 95 -10.61 -0.22 19.22
N THR A 96 -10.16 0.06 20.44
CA THR A 96 -9.79 -0.99 21.41
C THR A 96 -10.23 -0.55 22.79
N GLN A 97 -10.27 -1.49 23.73
CA GLN A 97 -10.63 -1.19 25.10
C GLN A 97 -9.65 -0.17 25.71
N GLU A 98 -8.36 -0.37 25.47
CA GLU A 98 -7.33 0.53 25.99
C GLU A 98 -6.65 1.26 24.83
N GLN A 99 -6.53 2.58 24.96
CA GLN A 99 -5.84 3.40 23.95
C GLN A 99 -4.42 2.87 23.71
N ARG A 100 -3.72 2.57 24.80
CA ARG A 100 -2.32 2.15 24.76
C ARG A 100 -2.04 0.94 23.87
N ASP A 101 -3.04 0.07 23.69
CA ASP A 101 -2.89 -1.08 22.78
C ASP A 101 -2.87 -0.65 21.31
N THR A 102 -3.50 0.48 21.02
CA THR A 102 -3.62 1.00 19.65
C THR A 102 -2.45 1.95 19.31
N VAL A 103 -2.09 2.81 20.24
CA VAL A 103 -1.02 3.79 20.02
C VAL A 103 -0.19 3.94 21.30
N PRO A 104 1.12 4.20 21.14
CA PRO A 104 1.84 4.52 22.37
C PRO A 104 1.35 5.85 22.93
N ILE A 105 1.41 6.02 24.23
CA ILE A 105 0.99 7.26 24.87
C ILE A 105 2.15 8.23 24.80
N PRO A 106 2.03 9.29 23.97
CA PRO A 106 3.18 10.17 23.72
C PRO A 106 3.59 10.95 24.96
N LYS A 107 4.88 11.27 25.04
CA LYS A 107 5.41 11.92 26.22
C LYS A 107 4.96 13.37 26.33
N SER A 108 5.00 14.10 25.22
CA SER A 108 4.83 15.57 25.28
C SER A 108 3.74 16.11 24.35
N GLY A 109 3.62 15.54 23.16
CA GLY A 109 2.68 16.04 22.17
C GLY A 109 1.54 15.08 21.87
N GLN A 110 0.97 15.29 20.69
CA GLN A 110 -0.08 14.45 20.16
C GLN A 110 0.58 13.29 19.40
N SER A 111 -0.07 12.13 19.37
CA SER A 111 0.51 10.98 18.68
C SER A 111 0.38 11.06 17.16
N GLN A 112 1.50 10.80 16.49
CA GLN A 112 1.53 10.74 15.02
C GLN A 112 1.47 9.31 14.49
N LEU A 113 1.30 8.32 15.39
CA LEU A 113 1.42 6.91 15.00
C LEU A 113 0.09 6.15 14.94
N GLY A 114 -1.01 6.89 15.00
CA GLY A 114 -2.35 6.27 14.96
C GLY A 114 -3.38 7.14 15.64
N ARG A 115 -4.64 6.74 15.51
CA ARG A 115 -5.76 7.42 16.15
C ARG A 115 -6.66 6.41 16.83
N TRP A 116 -6.84 6.58 18.14
CA TRP A 116 -7.70 5.70 18.89
C TRP A 116 -9.05 6.37 19.03
N MET A 117 -10.10 5.55 19.04
CA MET A 117 -11.42 6.00 19.42
C MET A 117 -11.99 4.93 20.35
N SER A 118 -12.63 5.37 21.42
CA SER A 118 -13.28 4.46 22.36
C SER A 118 -14.46 3.76 21.71
N GLU A 119 -14.80 2.58 22.24
CA GLU A 119 -15.98 1.83 21.82
C GLU A 119 -17.24 2.68 21.94
N GLU A 120 -17.35 3.43 23.04
CA GLU A 120 -18.54 4.24 23.32
C GLU A 120 -18.71 5.33 22.27
N ASP A 121 -17.65 6.08 22.02
CA ASP A 121 -17.69 7.13 21.01
C ASP A 121 -17.98 6.57 19.63
N PHE A 122 -17.39 5.42 19.29
CA PHE A 122 -17.63 4.83 17.98
C PHE A 122 -19.09 4.41 17.81
N GLU A 123 -19.67 3.81 18.84
CA GLU A 123 -21.06 3.34 18.76
C GLU A 123 -22.00 4.52 18.48
N LYS A 124 -21.75 5.64 19.13
CA LYS A 124 -22.49 6.87 18.86
C LYS A 124 -22.29 7.34 17.42
N ALA A 125 -21.05 7.33 16.95
CA ALA A 125 -20.73 7.72 15.57
C ALA A 125 -21.42 6.81 14.56
N PHE A 126 -21.36 5.50 14.82
CA PHE A 126 -22.03 4.51 14.00
C PHE A 126 -23.54 4.79 13.93
N ASN A 127 -24.18 4.83 15.09
CA ASN A 127 -25.62 5.08 15.18
C ASN A 127 -26.07 6.38 14.48
N ALA A 128 -25.19 7.38 14.43
CA ALA A 128 -25.49 8.66 13.74
C ALA A 128 -25.24 8.61 12.23
N ARG A 129 -24.75 7.48 11.71
CA ARG A 129 -24.40 7.35 10.30
C ARG A 129 -25.13 6.23 9.54
N PHE A 130 -25.09 5.01 10.08
CA PHE A 130 -25.50 3.82 9.31
C PHE A 130 -26.99 3.50 9.20
N PRO A 131 -27.79 3.81 10.24
CA PRO A 131 -29.22 3.51 10.11
C PRO A 131 -29.87 4.15 8.85
N GLY A 132 -30.52 3.33 8.04
CA GLY A 132 -31.16 3.80 6.81
C GLY A 132 -30.24 4.20 5.66
N CYS A 133 -28.92 4.09 5.84
CA CYS A 133 -27.95 4.75 4.94
C CYS A 133 -27.96 4.30 3.48
N MET A 134 -28.51 3.11 3.22
CA MET A 134 -28.54 2.56 1.87
C MET A 134 -29.91 2.57 1.23
N LYS A 135 -30.85 3.34 1.79
CA LYS A 135 -32.22 3.39 1.28
C LYS A 135 -32.25 3.69 -0.22
N GLY A 136 -32.99 2.86 -0.96
CA GLY A 136 -33.10 3.01 -2.41
C GLY A 136 -31.91 2.52 -3.23
N ARG A 137 -30.87 2.03 -2.56
CA ARG A 137 -29.66 1.54 -3.23
C ARG A 137 -29.53 0.01 -3.10
N THR A 138 -28.69 -0.57 -3.95
CA THR A 138 -28.39 -2.00 -3.85
C THR A 138 -27.27 -2.19 -2.86
N MET A 139 -27.42 -3.17 -1.96
CA MET A 139 -26.32 -3.63 -1.13
C MET A 139 -25.62 -4.78 -1.83
N TYR A 140 -24.36 -4.55 -2.21
CA TYR A 140 -23.55 -5.56 -2.89
C TYR A 140 -22.80 -6.38 -1.87
N VAL A 141 -22.89 -7.71 -1.98
CA VAL A 141 -22.16 -8.60 -1.08
C VAL A 141 -20.94 -9.14 -1.82
N ILE A 142 -19.76 -8.73 -1.38
CA ILE A 142 -18.50 -9.06 -2.04
C ILE A 142 -17.70 -10.07 -1.22
N PRO A 143 -17.73 -11.35 -1.62
CA PRO A 143 -16.83 -12.31 -0.96
C PRO A 143 -15.43 -12.23 -1.59
N PHE A 144 -14.40 -11.97 -0.78
CA PHE A 144 -13.07 -11.83 -1.34
C PHE A 144 -11.98 -12.49 -0.51
N SER A 145 -10.97 -13.02 -1.20
CA SER A 145 -9.80 -13.60 -0.55
C SER A 145 -8.63 -12.68 -0.75
N MET A 146 -7.86 -12.48 0.31
CA MET A 146 -6.64 -11.69 0.24
C MET A 146 -5.50 -12.69 0.21
N GLY A 147 -4.85 -12.80 -0.94
CA GLY A 147 -3.84 -13.83 -1.18
C GLY A 147 -4.38 -14.92 -2.10
N PRO A 148 -3.48 -15.71 -2.69
CA PRO A 148 -3.86 -16.83 -3.56
C PRO A 148 -4.80 -17.80 -2.86
N LEU A 149 -5.94 -18.09 -3.49
CA LEU A 149 -7.02 -18.89 -2.87
C LEU A 149 -6.58 -20.07 -2.00
N GLY A 150 -5.59 -20.83 -2.46
CA GLY A 150 -5.13 -22.01 -1.72
C GLY A 150 -4.10 -21.75 -0.64
N SER A 151 -3.65 -20.50 -0.52
CA SER A 151 -2.54 -20.20 0.37
C SER A 151 -2.95 -20.30 1.83
N PRO A 152 -2.17 -21.03 2.65
CA PRO A 152 -2.43 -20.98 4.09
C PRO A 152 -2.22 -19.58 4.67
N LEU A 153 -1.49 -18.71 3.96
CA LEU A 153 -1.33 -17.31 4.38
C LEU A 153 -2.51 -16.42 3.98
N ALA A 154 -3.38 -16.90 3.09
CA ALA A 154 -4.53 -16.11 2.61
C ALA A 154 -5.63 -15.97 3.66
N LYS A 155 -6.29 -14.82 3.69
CA LYS A 155 -7.42 -14.58 4.60
C LYS A 155 -8.62 -14.00 3.83
N ILE A 156 -9.80 -14.45 4.22
CA ILE A 156 -11.04 -14.16 3.51
C ILE A 156 -11.85 -13.05 4.18
N GLY A 157 -12.42 -12.17 3.36
CA GLY A 157 -13.32 -11.13 3.84
C GLY A 157 -14.66 -11.12 3.10
N ILE A 158 -15.67 -10.54 3.75
CA ILE A 158 -16.93 -10.20 3.11
C ILE A 158 -17.07 -8.69 3.20
N GLU A 159 -17.10 -7.99 2.06
CA GLU A 159 -17.43 -6.55 2.04
C GLU A 159 -18.85 -6.31 1.52
N LEU A 160 -19.65 -5.61 2.33
CA LEU A 160 -20.95 -5.11 1.89
C LEU A 160 -20.75 -3.66 1.52
N THR A 161 -21.23 -3.26 0.34
CA THR A 161 -21.10 -1.88 -0.11
C THR A 161 -22.28 -1.49 -0.97
N ASP A 162 -22.56 -0.19 -1.01
CA ASP A 162 -23.62 0.35 -1.84
C ASP A 162 -23.04 1.07 -3.07
N SER A 163 -21.76 0.85 -3.32
CA SER A 163 -21.05 1.46 -4.45
C SER A 163 -20.65 0.41 -5.49
N PRO A 164 -21.19 0.52 -6.71
CA PRO A 164 -20.75 -0.27 -7.85
C PRO A 164 -19.28 -0.07 -8.19
N TYR A 165 -18.79 1.16 -8.00
CA TYR A 165 -17.37 1.50 -8.22
C TYR A 165 -16.44 0.70 -7.32
N VAL A 166 -16.84 0.55 -6.05
CA VAL A 166 -16.10 -0.28 -5.10
C VAL A 166 -16.13 -1.75 -5.51
N VAL A 167 -17.27 -2.20 -6.01
CA VAL A 167 -17.41 -3.60 -6.45
C VAL A 167 -16.45 -3.92 -7.60
N ALA A 168 -16.53 -3.14 -8.67
CA ALA A 168 -15.64 -3.31 -9.82
C ALA A 168 -14.15 -3.25 -9.43
N SER A 169 -13.80 -2.28 -8.59
CA SER A 169 -12.41 -2.12 -8.15
C SER A 169 -11.92 -3.29 -7.28
N MET A 170 -12.81 -3.80 -6.45
CA MET A 170 -12.52 -4.99 -5.63
C MET A 170 -12.36 -6.26 -6.48
N ARG A 171 -13.03 -6.34 -7.63
CA ARG A 171 -12.83 -7.48 -8.53
C ARG A 171 -11.40 -7.48 -9.06
N ILE A 172 -10.87 -6.29 -9.28
CA ILE A 172 -9.50 -6.15 -9.73
C ILE A 172 -8.52 -6.34 -8.56
N MET A 173 -8.75 -5.60 -7.48
CA MET A 173 -7.77 -5.53 -6.40
C MET A 173 -7.74 -6.73 -5.45
N THR A 174 -8.75 -7.60 -5.53
CA THR A 174 -8.80 -8.84 -4.73
C THR A 174 -9.27 -10.01 -5.61
N ARG A 175 -9.20 -11.24 -5.09
CA ARG A 175 -9.89 -12.38 -5.72
C ARG A 175 -11.32 -12.39 -5.21
N MET A 176 -12.27 -12.15 -6.11
CA MET A 176 -13.63 -11.86 -5.71
C MET A 176 -14.61 -12.78 -6.39
N GLY A 177 -15.55 -13.34 -5.63
CA GLY A 177 -16.67 -14.07 -6.21
C GLY A 177 -17.09 -15.37 -5.52
N THR A 178 -17.83 -16.19 -6.27
CA THR A 178 -18.46 -17.40 -5.74
C THR A 178 -17.48 -18.42 -5.16
N SER A 179 -16.32 -18.58 -5.79
CA SER A 179 -15.31 -19.56 -5.39
C SER A 179 -14.75 -19.24 -4.01
N VAL A 180 -14.68 -17.94 -3.70
CA VAL A 180 -14.31 -17.49 -2.36
C VAL A 180 -15.34 -18.03 -1.35
N LEU A 181 -16.63 -17.83 -1.65
CA LEU A 181 -17.70 -18.35 -0.78
C LEU A 181 -17.59 -19.86 -0.54
N GLU A 182 -17.38 -20.61 -1.62
CA GLU A 182 -17.27 -22.07 -1.52
C GLU A 182 -16.04 -22.49 -0.71
N ALA A 183 -14.95 -21.75 -0.85
CA ALA A 183 -13.73 -21.97 -0.06
C ALA A 183 -13.90 -21.59 1.43
N LEU A 184 -14.57 -20.47 1.69
CA LEU A 184 -14.76 -19.98 3.06
C LEU A 184 -15.47 -21.00 3.93
N GLY A 185 -16.64 -21.44 3.48
CA GLY A 185 -17.45 -22.39 4.24
C GLY A 185 -17.91 -21.80 5.56
N ASP A 186 -17.75 -22.57 6.64
CA ASP A 186 -18.07 -22.09 7.98
C ASP A 186 -16.86 -21.50 8.69
N GLY A 187 -15.82 -21.17 7.93
CA GLY A 187 -14.64 -20.53 8.47
C GLY A 187 -14.88 -19.08 8.88
N GLU A 188 -13.84 -18.49 9.44
CA GLU A 188 -13.86 -17.11 9.92
C GLU A 188 -13.60 -16.16 8.76
N PHE A 189 -14.09 -14.92 8.88
CA PHE A 189 -13.83 -13.90 7.87
C PHE A 189 -13.88 -12.51 8.48
N ILE A 190 -13.15 -11.58 7.86
CA ILE A 190 -13.21 -10.19 8.28
C ILE A 190 -14.52 -9.61 7.78
N LYS A 191 -15.29 -9.02 8.70
CA LYS A 191 -16.55 -8.38 8.39
C LYS A 191 -16.25 -6.96 7.94
N CYS A 192 -16.55 -6.65 6.68
CA CYS A 192 -16.25 -5.35 6.10
C CYS A 192 -17.53 -4.64 5.66
N LEU A 193 -17.84 -3.50 6.29
CA LEU A 193 -19.05 -2.76 5.97
C LEU A 193 -18.67 -1.38 5.44
N HIS A 194 -19.22 -1.03 4.27
CA HIS A 194 -18.99 0.26 3.67
C HIS A 194 -20.28 0.81 3.11
N SER A 195 -20.49 2.12 3.32
CA SER A 195 -21.53 2.87 2.63
C SER A 195 -20.99 4.25 2.22
N VAL A 196 -21.41 4.74 1.06
CA VAL A 196 -21.08 6.11 0.63
C VAL A 196 -21.84 7.19 1.41
N GLY A 197 -22.88 6.79 2.13
CA GLY A 197 -23.59 7.67 3.07
C GLY A 197 -24.57 8.63 2.41
N CYS A 198 -25.19 8.20 1.32
CA CYS A 198 -26.12 9.05 0.58
C CYS A 198 -27.42 8.32 0.30
N PRO A 199 -28.21 8.04 1.34
CA PRO A 199 -29.48 7.37 1.13
C PRO A 199 -30.41 8.17 0.23
N LEU A 200 -31.13 7.49 -0.66
CA LEU A 200 -32.15 8.13 -1.48
C LEU A 200 -33.47 8.20 -0.70
N PRO A 201 -34.25 9.29 -0.88
CA PRO A 201 -33.97 10.46 -1.72
C PRO A 201 -32.81 11.29 -1.19
N LEU A 202 -31.94 11.76 -2.09
CA LEU A 202 -30.75 12.51 -1.72
C LEU A 202 -31.10 13.75 -0.91
N LYS A 203 -30.49 13.89 0.26
CA LYS A 203 -30.63 15.09 1.09
C LYS A 203 -29.80 16.24 0.53
N LYS A 204 -28.58 15.94 0.08
CA LYS A 204 -27.64 16.93 -0.43
C LYS A 204 -27.41 16.75 -1.94
N PRO A 205 -27.02 17.85 -2.63
CA PRO A 205 -26.65 17.78 -4.04
C PRO A 205 -25.56 16.75 -4.34
N LEU A 206 -25.70 16.07 -5.48
CA LEU A 206 -24.69 15.16 -5.97
C LEU A 206 -23.70 15.95 -6.83
N VAL A 207 -22.42 15.83 -6.50
CA VAL A 207 -21.38 16.49 -7.29
C VAL A 207 -20.71 15.45 -8.18
N ASN A 208 -20.66 15.76 -9.48
CA ASN A 208 -19.95 14.97 -10.47
C ASN A 208 -20.37 13.49 -10.45
N ASN A 209 -21.66 13.27 -10.17
CA ASN A 209 -22.24 11.92 -10.05
C ASN A 209 -21.45 10.98 -9.14
N TRP A 210 -20.88 11.54 -8.08
CA TRP A 210 -20.03 10.79 -7.19
C TRP A 210 -20.57 10.90 -5.78
N ALA A 211 -21.24 9.84 -5.32
CA ALA A 211 -21.88 9.86 -4.02
C ALA A 211 -20.83 9.74 -2.91
N CYS A 212 -20.95 10.63 -1.93
CA CYS A 212 -20.04 10.66 -0.79
C CYS A 212 -20.62 11.57 0.28
N ASN A 213 -20.02 11.53 1.47
CA ASN A 213 -20.47 12.33 2.60
C ASN A 213 -19.24 12.73 3.40
N PRO A 214 -18.55 13.80 2.93
CA PRO A 214 -17.30 14.22 3.58
C PRO A 214 -17.46 14.54 5.08
N GLU A 215 -18.54 15.22 5.44
CA GLU A 215 -18.74 15.70 6.80
C GLU A 215 -18.77 14.55 7.80
N LEU A 216 -19.34 13.43 7.37
CA LEU A 216 -19.52 12.26 8.24
C LEU A 216 -18.56 11.14 7.90
N THR A 217 -17.54 11.42 7.10
CA THR A 217 -16.59 10.39 6.69
C THR A 217 -15.86 9.81 7.91
N LEU A 218 -15.81 8.48 7.97
CA LEU A 218 -15.23 7.77 9.10
C LEU A 218 -14.82 6.38 8.66
N ILE A 219 -13.55 6.05 8.85
CA ILE A 219 -13.02 4.73 8.48
C ILE A 219 -12.50 4.09 9.76
N ALA A 220 -13.24 3.10 10.25
CA ALA A 220 -13.02 2.54 11.58
C ALA A 220 -12.59 1.06 11.52
N HIS A 221 -11.74 0.67 12.47
CA HIS A 221 -11.25 -0.71 12.58
C HIS A 221 -11.45 -1.17 14.00
N LEU A 222 -12.07 -2.34 14.13
CA LEU A 222 -12.32 -2.93 15.43
C LEU A 222 -11.71 -4.33 15.38
N PRO A 223 -10.38 -4.43 15.62
CA PRO A 223 -9.66 -5.69 15.53
C PRO A 223 -10.21 -6.78 16.44
N ASP A 224 -10.63 -6.41 17.65
CA ASP A 224 -11.16 -7.39 18.60
C ASP A 224 -12.50 -7.97 18.16
N ARG A 225 -13.24 -7.23 17.34
CA ARG A 225 -14.49 -7.73 16.76
C ARG A 225 -14.30 -8.24 15.32
N ARG A 226 -13.10 -8.09 14.78
CA ARG A 226 -12.78 -8.50 13.39
C ARG A 226 -13.65 -7.75 12.37
N GLU A 227 -14.01 -6.51 12.68
CA GLU A 227 -14.86 -5.71 11.80
C GLU A 227 -14.10 -4.48 11.30
N ILE A 228 -14.34 -4.11 10.05
CA ILE A 228 -13.92 -2.83 9.48
C ILE A 228 -15.22 -2.17 9.07
N ILE A 229 -15.43 -0.93 9.53
CA ILE A 229 -16.65 -0.19 9.25
C ILE A 229 -16.29 1.20 8.69
N SER A 230 -16.64 1.45 7.43
CA SER A 230 -16.23 2.67 6.72
C SER A 230 -17.40 3.42 6.09
N PHE A 231 -17.52 4.71 6.39
CA PHE A 231 -18.67 5.52 5.97
C PHE A 231 -18.25 6.82 5.27
N GLY A 232 -18.91 7.14 4.16
CA GLY A 232 -18.88 8.50 3.60
C GLY A 232 -17.92 8.79 2.46
N SER A 233 -16.98 7.88 2.20
CA SER A 233 -16.01 8.05 1.10
C SER A 233 -16.01 6.84 0.18
N GLY A 234 -15.97 7.12 -1.12
CA GLY A 234 -15.81 6.08 -2.13
C GLY A 234 -14.40 5.89 -2.63
N TYR A 235 -13.46 6.74 -2.18
CA TYR A 235 -12.10 6.70 -2.70
CA TYR A 235 -12.07 6.71 -2.67
C TYR A 235 -11.32 5.50 -2.16
N GLY A 236 -10.58 4.85 -3.06
CA GLY A 236 -9.84 3.59 -2.85
C GLY A 236 -9.47 3.15 -1.46
N GLY A 237 -8.51 3.83 -0.86
CA GLY A 237 -8.03 3.53 0.49
C GLY A 237 -9.10 3.53 1.58
N ASN A 238 -10.22 4.22 1.34
CA ASN A 238 -11.31 4.27 2.31
C ASN A 238 -12.43 3.27 2.03
N SER A 239 -12.52 2.80 0.78
CA SER A 239 -13.64 2.00 0.32
C SER A 239 -13.26 0.58 -0.10
N LEU A 240 -12.04 0.41 -0.62
CA LEU A 240 -11.49 -0.91 -0.89
C LEU A 240 -10.96 -1.46 0.43
N LEU A 241 -11.86 -2.00 1.23
CA LEU A 241 -11.52 -2.36 2.61
C LEU A 241 -10.52 -3.50 2.76
N GLY A 242 -10.31 -4.28 1.69
CA GLY A 242 -9.30 -5.33 1.72
C GLY A 242 -7.87 -4.79 1.83
N LYS A 243 -7.66 -3.59 1.30
CA LYS A 243 -6.31 -3.06 1.08
C LYS A 243 -5.66 -2.50 2.36
N LYS A 244 -5.83 -1.21 2.64
CA LYS A 244 -5.23 -0.61 3.84
C LYS A 244 -5.89 -1.10 5.12
N CYS A 245 -7.22 -1.08 5.15
CA CYS A 245 -7.97 -1.39 6.37
C CYS A 245 -7.74 -2.83 6.81
N PHE A 246 -7.91 -3.76 5.90
CA PHE A 246 -7.72 -5.17 6.19
C PHE A 246 -6.23 -5.51 6.16
N ALA A 247 -5.61 -5.41 4.99
CA ALA A 247 -4.30 -6.01 4.77
C ALA A 247 -3.12 -5.34 5.49
N LEU A 248 -3.31 -4.14 6.05
CA LEU A 248 -2.29 -3.52 6.90
C LEU A 248 -2.74 -3.35 8.36
N ARG A 249 -3.89 -2.72 8.57
CA ARG A 249 -4.32 -2.39 9.93
C ARG A 249 -4.81 -3.62 10.72
N ILE A 250 -5.85 -4.29 10.24
CA ILE A 250 -6.31 -5.51 10.93
C ILE A 250 -5.21 -6.57 10.91
N ALA A 251 -4.64 -6.81 9.74
CA ALA A 251 -3.66 -7.90 9.54
C ALA A 251 -2.39 -7.75 10.38
N SER A 252 -1.93 -6.51 10.59
CA SER A 252 -0.71 -6.31 11.39
C SER A 252 -0.97 -6.69 12.85
N ARG A 253 -2.19 -6.49 13.30
CA ARG A 253 -2.60 -6.92 14.64
C ARG A 253 -2.63 -8.46 14.70
N LEU A 254 -3.30 -9.09 13.73
CA LEU A 254 -3.33 -10.56 13.64
C LEU A 254 -1.92 -11.14 13.52
N ALA A 255 -1.09 -10.49 12.71
CA ALA A 255 0.31 -10.86 12.51
C ALA A 255 1.06 -10.89 13.84
N LYS A 256 0.87 -9.85 14.65
CA LYS A 256 1.49 -9.76 15.96
C LYS A 256 1.02 -10.91 16.86
N GLU A 257 -0.28 -11.17 16.86
CA GLU A 257 -0.87 -12.24 17.67
C GLU A 257 -0.33 -13.60 17.24
N GLU A 258 -0.19 -13.80 15.94
CA GLU A 258 0.07 -15.13 15.38
C GLU A 258 1.52 -15.41 15.02
N GLY A 259 2.37 -14.38 15.11
CA GLY A 259 3.81 -14.55 14.91
C GLY A 259 4.31 -14.40 13.48
N TRP A 260 3.58 -13.65 12.66
CA TRP A 260 4.02 -13.30 11.30
C TRP A 260 4.01 -11.77 11.11
N LEU A 261 4.18 -11.30 9.87
CA LEU A 261 4.31 -9.86 9.59
C LEU A 261 3.38 -9.41 8.46
N ALA A 262 2.76 -8.25 8.64
CA ALA A 262 1.93 -7.62 7.60
C ALA A 262 2.47 -6.22 7.37
N GLU A 263 3.07 -6.00 6.21
CA GLU A 263 3.92 -4.85 6.00
C GLU A 263 3.63 -4.09 4.71
N HIS A 264 3.97 -2.80 4.73
CA HIS A 264 3.73 -1.90 3.61
C HIS A 264 4.92 -2.00 2.67
N MET A 265 5.06 -3.17 2.06
CA MET A 265 6.24 -3.51 1.25
C MET A 265 5.91 -4.05 -0.15
N LEU A 266 6.68 -3.61 -1.13
CA LEU A 266 6.68 -4.23 -2.45
C LEU A 266 7.47 -5.53 -2.37
N ILE A 267 7.22 -6.44 -3.31
CA ILE A 267 7.98 -7.68 -3.40
C ILE A 267 8.42 -7.84 -4.85
N LEU A 268 9.72 -8.00 -5.08
CA LEU A 268 10.21 -8.31 -6.43
C LEU A 268 11.15 -9.52 -6.40
N GLY A 269 11.25 -10.18 -7.54
CA GLY A 269 12.24 -11.24 -7.76
C GLY A 269 13.30 -10.73 -8.69
N ILE A 270 14.57 -10.99 -8.36
CA ILE A 270 15.70 -10.53 -9.18
C ILE A 270 16.64 -11.69 -9.51
N THR A 271 16.92 -11.87 -10.80
CA THR A 271 17.79 -12.93 -11.28
C THR A 271 19.08 -12.33 -11.87
N ASN A 272 20.22 -12.93 -11.53
CA ASN A 272 21.52 -12.49 -12.03
C ASN A 272 21.90 -13.20 -13.34
N PRO A 273 23.04 -12.83 -13.96
CA PRO A 273 23.42 -13.45 -15.24
C PRO A 273 23.82 -14.93 -15.18
N GLU A 274 23.94 -15.48 -13.97
CA GLU A 274 24.21 -16.91 -13.77
C GLU A 274 22.98 -17.67 -13.26
N GLY A 275 21.78 -17.15 -13.53
CA GLY A 275 20.54 -17.88 -13.28
C GLY A 275 20.01 -17.91 -11.86
N LYS A 276 20.73 -17.32 -10.91
CA LYS A 276 20.34 -17.36 -9.51
C LYS A 276 19.36 -16.26 -9.19
N LYS A 277 18.26 -16.62 -8.54
CA LYS A 277 17.16 -15.69 -8.27
C LYS A 277 16.98 -15.45 -6.78
N LYS A 278 16.73 -14.20 -6.40
CA LYS A 278 16.44 -13.84 -5.02
C LYS A 278 15.21 -12.95 -4.98
N TYR A 279 14.45 -13.05 -3.89
CA TYR A 279 13.32 -12.16 -3.69
C TYR A 279 13.65 -11.14 -2.62
N LEU A 280 13.23 -9.89 -2.87
CA LEU A 280 13.48 -8.78 -1.97
C LEU A 280 12.18 -8.05 -1.68
N ALA A 281 12.07 -7.49 -0.49
CA ALA A 281 10.95 -6.66 -0.12
C ALA A 281 11.44 -5.26 0.22
N ALA A 282 10.61 -4.24 -0.05
CA ALA A 282 11.01 -2.85 0.19
C ALA A 282 9.85 -1.98 0.68
N ALA A 283 10.09 -1.23 1.74
CA ALA A 283 9.11 -0.31 2.28
C ALA A 283 9.58 1.11 2.04
N PHE A 284 8.84 1.85 1.20
CA PHE A 284 9.05 3.30 1.01
C PHE A 284 7.78 4.06 1.38
N PRO A 285 7.92 5.31 1.85
CA PRO A 285 6.76 6.12 2.16
C PRO A 285 5.74 6.20 1.00
N SER A 286 4.48 6.44 1.35
CA SER A 286 3.38 6.61 0.37
C SER A 286 3.68 7.67 -0.69
N ALA A 287 4.56 8.62 -0.36
CA ALA A 287 5.28 9.38 -1.40
C ALA A 287 6.06 8.32 -2.17
N CYS A 288 5.51 7.91 -3.31
CA CYS A 288 5.77 6.59 -3.89
C CYS A 288 7.20 6.39 -4.43
N GLY A 289 7.33 5.64 -5.51
CA GLY A 289 8.62 5.12 -5.97
C GLY A 289 8.67 3.61 -5.80
N LYS A 290 7.65 3.05 -5.16
CA LYS A 290 7.54 1.62 -4.94
C LYS A 290 7.22 0.87 -6.22
N THR A 291 6.18 1.34 -6.90
CA THR A 291 5.72 0.67 -8.12
C THR A 291 6.81 0.72 -9.20
N ASN A 292 7.60 1.80 -9.22
CA ASN A 292 8.76 1.91 -10.11
C ASN A 292 9.83 0.83 -9.89
N LEU A 293 10.18 0.59 -8.63
CA LEU A 293 11.18 -0.43 -8.30
C LEU A 293 10.62 -1.83 -8.49
N ALA A 294 9.35 -2.02 -8.15
CA ALA A 294 8.71 -3.34 -8.24
C ALA A 294 8.62 -3.82 -9.68
N MET A 295 8.54 -2.87 -10.60
CA MET A 295 8.39 -3.16 -12.02
C MET A 295 9.59 -2.67 -12.81
N MET A 296 10.73 -2.52 -12.13
CA MET A 296 11.91 -1.93 -12.73
C MET A 296 12.33 -2.68 -13.98
N ASN A 297 12.73 -1.92 -14.99
CA ASN A 297 13.40 -2.46 -16.15
C ASN A 297 14.91 -2.28 -15.94
N PRO A 298 15.61 -3.37 -15.57
CA PRO A 298 17.03 -3.23 -15.23
C PRO A 298 17.88 -2.95 -16.46
N THR A 299 18.81 -1.99 -16.33
CA THR A 299 19.72 -1.66 -17.41
C THR A 299 20.89 -2.64 -17.52
N LEU A 300 21.34 -3.18 -16.38
CA LEU A 300 22.46 -4.12 -16.39
C LEU A 300 22.16 -5.33 -17.28
N PRO A 301 23.07 -5.62 -18.23
CA PRO A 301 22.90 -6.80 -19.08
C PRO A 301 22.84 -8.09 -18.26
N GLY A 302 21.96 -9.01 -18.65
CA GLY A 302 21.88 -10.32 -18.02
C GLY A 302 21.11 -10.38 -16.70
N TRP A 303 20.55 -9.25 -16.27
CA TRP A 303 19.75 -9.23 -15.04
C TRP A 303 18.28 -9.15 -15.38
N LYS A 304 17.47 -9.74 -14.51
CA LYS A 304 16.02 -9.77 -14.70
C LYS A 304 15.33 -9.34 -13.42
N VAL A 305 14.28 -8.54 -13.56
CA VAL A 305 13.44 -8.13 -12.45
C VAL A 305 12.00 -8.49 -12.77
N GLU A 306 11.35 -9.16 -11.82
CA GLU A 306 9.95 -9.56 -11.98
C GLU A 306 9.17 -9.14 -10.74
N CYS A 307 7.88 -8.86 -10.92
CA CYS A 307 7.04 -8.26 -9.88
C CYS A 307 6.13 -9.29 -9.21
N VAL A 308 6.17 -9.34 -7.87
CA VAL A 308 5.22 -10.15 -7.10
C VAL A 308 4.10 -9.25 -6.57
N GLY A 309 4.47 -8.04 -6.14
CA GLY A 309 3.53 -7.02 -5.70
C GLY A 309 4.20 -5.67 -5.50
N ASP A 310 3.38 -4.62 -5.39
CA ASP A 310 3.87 -3.23 -5.33
C ASP A 310 3.43 -2.45 -4.10
N ASP A 311 2.75 -3.08 -3.13
CA ASP A 311 2.22 -2.32 -2.00
C ASP A 311 2.28 -3.02 -0.65
N ILE A 312 1.76 -4.24 -0.58
CA ILE A 312 1.59 -4.96 0.69
C ILE A 312 2.19 -6.37 0.63
N ALA A 313 2.80 -6.78 1.73
CA ALA A 313 3.45 -8.09 1.85
C ALA A 313 3.05 -8.72 3.16
N TRP A 314 2.56 -9.96 3.09
CA TRP A 314 2.31 -10.75 4.27
C TRP A 314 3.40 -11.80 4.34
N MET A 315 4.16 -11.79 5.44
CA MET A 315 5.38 -12.56 5.52
C MET A 315 5.40 -13.43 6.77
N LYS A 316 5.79 -14.69 6.60
CA LYS A 316 5.83 -15.64 7.70
C LYS A 316 7.02 -16.58 7.54
N PHE A 317 7.77 -16.78 8.63
CA PHE A 317 8.85 -17.76 8.64
C PHE A 317 8.25 -19.14 8.56
N ASP A 318 8.80 -19.99 7.69
CA ASP A 318 8.30 -21.37 7.53
C ASP A 318 9.09 -22.32 8.43
N ALA A 319 8.75 -23.61 8.37
CA ALA A 319 9.39 -24.62 9.21
C ALA A 319 10.90 -24.70 9.03
N GLN A 320 11.37 -24.35 7.83
CA GLN A 320 12.79 -24.35 7.51
C GLN A 320 13.49 -23.04 7.91
N GLY A 321 12.73 -22.09 8.45
CA GLY A 321 13.27 -20.80 8.85
C GLY A 321 13.40 -19.77 7.73
N ASN A 322 12.81 -20.07 6.57
CA ASN A 322 12.77 -19.11 5.47
C ASN A 322 11.62 -18.15 5.67
N LEU A 323 11.83 -16.87 5.37
CA LEU A 323 10.80 -15.87 5.50
C LEU A 323 10.03 -15.82 4.19
N ARG A 324 8.80 -16.32 4.21
CA ARG A 324 8.01 -16.47 3.01
C ARG A 324 7.04 -15.32 2.89
N ALA A 325 7.01 -14.69 1.72
CA ALA A 325 6.11 -13.56 1.47
C ALA A 325 5.09 -13.87 0.37
N ILE A 326 3.86 -13.41 0.58
CA ILE A 326 2.87 -13.35 -0.50
C ILE A 326 2.40 -11.92 -0.67
N ASN A 327 1.96 -11.61 -1.89
CA ASN A 327 1.16 -10.43 -2.16
C ASN A 327 -0.31 -10.77 -1.87
N PRO A 328 -0.94 -10.08 -0.90
CA PRO A 328 -2.34 -10.37 -0.60
C PRO A 328 -3.32 -9.72 -1.59
N GLU A 329 -2.81 -8.90 -2.51
CA GLU A 329 -3.63 -8.21 -3.47
C GLU A 329 -3.65 -8.97 -4.79
N ASN A 330 -4.57 -8.56 -5.66
CA ASN A 330 -4.78 -9.18 -6.96
C ASN A 330 -4.56 -8.19 -8.10
N GLY A 331 -4.18 -6.96 -7.77
CA GLY A 331 -4.02 -5.90 -8.76
C GLY A 331 -3.17 -4.75 -8.27
N PHE A 332 -3.04 -3.74 -9.12
CA PHE A 332 -2.25 -2.56 -8.81
C PHE A 332 -3.15 -1.33 -8.81
N PHE A 333 -3.17 -0.65 -7.67
CA PHE A 333 -3.89 0.59 -7.50
C PHE A 333 -2.83 1.70 -7.38
N GLY A 334 -2.15 1.98 -8.48
CA GLY A 334 -0.98 2.88 -8.48
C GLY A 334 -1.32 4.34 -8.73
N VAL A 335 -0.38 5.22 -8.37
CA VAL A 335 -0.50 6.65 -8.62
C VAL A 335 -0.22 6.90 -10.10
N ALA A 336 -1.16 7.55 -10.79
CA ALA A 336 -1.04 7.71 -12.24
C ALA A 336 -0.03 8.80 -12.66
N PRO A 337 -0.12 10.00 -12.08
CA PRO A 337 0.81 11.09 -12.43
C PRO A 337 2.27 10.75 -12.18
N GLY A 338 3.12 11.05 -13.15
CA GLY A 338 4.55 10.71 -13.09
C GLY A 338 4.87 9.39 -13.78
N THR A 339 3.83 8.61 -14.10
CA THR A 339 4.01 7.33 -14.76
C THR A 339 4.22 7.55 -16.27
N SER A 340 5.37 7.13 -16.76
CA SER A 340 5.70 7.26 -18.17
C SER A 340 6.42 6.02 -18.70
N VAL A 341 6.62 5.99 -20.01
CA VAL A 341 7.45 4.96 -20.64
C VAL A 341 8.86 5.00 -20.03
N LYS A 342 9.30 6.21 -19.68
CA LYS A 342 10.63 6.43 -19.12
C LYS A 342 10.74 5.96 -17.66
N THR A 343 9.72 6.26 -16.86
CA THR A 343 9.74 5.94 -15.43
C THR A 343 9.30 4.51 -15.13
N ASN A 344 8.35 4.00 -15.91
CA ASN A 344 7.80 2.68 -15.67
C ASN A 344 7.16 2.09 -16.93
N PRO A 345 7.97 1.66 -17.90
CA PRO A 345 7.42 1.15 -19.15
C PRO A 345 6.55 -0.10 -18.95
N ASN A 346 6.86 -0.91 -17.95
CA ASN A 346 6.05 -2.08 -17.63
C ASN A 346 4.64 -1.73 -17.13
N ALA A 347 4.53 -0.61 -16.41
CA ALA A 347 3.23 -0.08 -15.97
C ALA A 347 2.36 0.36 -17.15
N ILE A 348 2.99 0.95 -18.16
CA ILE A 348 2.28 1.46 -19.33
C ILE A 348 1.61 0.30 -20.08
N LYS A 349 2.33 -0.82 -20.22
CA LYS A 349 1.79 -2.01 -20.87
C LYS A 349 0.63 -2.63 -20.08
N THR A 350 0.74 -2.61 -18.76
CA THR A 350 -0.28 -3.22 -17.89
C THR A 350 -1.63 -2.53 -18.01
N ILE A 351 -1.62 -1.19 -18.08
CA ILE A 351 -2.84 -0.39 -17.92
C ILE A 351 -3.59 -0.07 -19.21
N GLN A 352 -3.16 -0.64 -20.33
CA GLN A 352 -3.83 -0.42 -21.61
C GLN A 352 -5.02 -1.38 -21.84
N LYS A 353 -5.26 -2.29 -20.91
CA LYS A 353 -6.39 -3.21 -20.97
C LYS A 353 -7.07 -3.25 -19.60
N ASN A 354 -8.40 -3.34 -19.59
CA ASN A 354 -9.17 -3.78 -18.42
C ASN A 354 -8.82 -3.02 -17.14
N THR A 355 -8.67 -1.72 -17.28
CA THR A 355 -8.14 -0.89 -16.23
C THR A 355 -9.11 0.23 -15.96
N ILE A 356 -9.34 0.51 -14.68
CA ILE A 356 -10.23 1.58 -14.29
C ILE A 356 -9.35 2.72 -13.81
N PHE A 357 -9.56 3.89 -14.41
CA PHE A 357 -8.80 5.09 -14.07
C PHE A 357 -9.70 6.00 -13.26
N THR A 358 -9.12 6.74 -12.32
CA THR A 358 -9.87 7.66 -11.47
C THR A 358 -9.15 9.00 -11.37
N ASN A 359 -9.86 10.07 -11.73
CA ASN A 359 -9.38 11.45 -11.58
C ASN A 359 -8.19 11.85 -12.44
N VAL A 360 -8.01 11.20 -13.58
CA VAL A 360 -7.02 11.61 -14.57
C VAL A 360 -7.71 12.37 -15.69
N ALA A 361 -6.91 13.00 -16.55
CA ALA A 361 -7.43 13.75 -17.69
C ALA A 361 -7.74 12.82 -18.85
N GLU A 362 -8.61 13.28 -19.75
CA GLU A 362 -9.00 12.52 -20.93
C GLU A 362 -8.72 13.30 -22.21
N THR A 363 -8.09 12.65 -23.19
CA THR A 363 -7.84 13.26 -24.48
C THR A 363 -9.09 13.15 -25.35
N SER A 364 -9.18 14.01 -26.38
CA SER A 364 -10.37 14.08 -27.23
C SER A 364 -10.63 12.81 -28.03
N ASP A 365 -9.61 11.96 -28.16
CA ASP A 365 -9.75 10.67 -28.86
C ASP A 365 -9.96 9.50 -27.88
N GLY A 366 -10.26 9.81 -26.64
CA GLY A 366 -10.63 8.80 -25.64
C GLY A 366 -9.44 8.14 -24.96
N GLY A 367 -8.33 8.85 -24.87
CA GLY A 367 -7.14 8.36 -24.18
C GLY A 367 -7.04 8.92 -22.77
N VAL A 368 -5.99 8.54 -22.05
CA VAL A 368 -5.73 9.10 -20.71
C VAL A 368 -4.54 10.07 -20.74
N TYR A 369 -4.52 10.98 -19.79
CA TYR A 369 -3.42 11.94 -19.69
C TYR A 369 -3.22 12.42 -18.26
N TRP A 370 -1.97 12.63 -17.90
CA TRP A 370 -1.60 13.15 -16.58
C TRP A 370 -0.25 13.83 -16.63
N GLU A 371 0.03 14.60 -15.58
CA GLU A 371 1.31 15.27 -15.44
C GLU A 371 2.43 14.25 -15.40
N GLY A 372 3.51 14.55 -16.12
CA GLY A 372 4.67 13.67 -16.18
C GLY A 372 4.46 12.43 -17.04
N ILE A 373 3.43 12.42 -17.88
CA ILE A 373 3.22 11.29 -18.78
C ILE A 373 4.24 11.28 -19.92
N ASP A 374 4.75 12.46 -20.28
CA ASP A 374 5.82 12.60 -21.27
C ASP A 374 5.57 11.87 -22.58
N GLU A 375 4.33 11.95 -23.06
CA GLU A 375 4.00 11.50 -24.40
C GLU A 375 3.38 12.68 -25.12
N PRO A 376 4.09 13.23 -26.13
CA PRO A 376 3.50 14.28 -26.94
C PRO A 376 2.17 13.84 -27.55
N LEU A 377 1.22 14.77 -27.62
CA LEU A 377 -0.05 14.53 -28.27
C LEU A 377 0.00 15.09 -29.69
N ALA A 378 -0.53 14.34 -30.65
CA ALA A 378 -0.59 14.78 -32.04
C ALA A 378 -1.38 16.09 -32.12
N PRO A 379 -0.98 16.97 -33.07
CA PRO A 379 -1.72 18.21 -33.23
C PRO A 379 -3.15 17.90 -33.66
N GLY A 380 -4.11 18.44 -32.92
CA GLY A 380 -5.53 18.12 -33.12
C GLY A 380 -6.17 17.57 -31.86
N VAL A 381 -5.36 16.91 -31.03
CA VAL A 381 -5.85 16.22 -29.85
C VAL A 381 -5.92 17.17 -28.66
N THR A 382 -7.12 17.42 -28.14
CA THR A 382 -7.32 18.30 -26.99
C THR A 382 -7.54 17.48 -25.73
N ILE A 383 -7.49 18.15 -24.58
CA ILE A 383 -7.51 17.48 -23.28
C ILE A 383 -8.61 18.03 -22.38
N THR A 384 -9.37 17.11 -21.78
CA THR A 384 -10.36 17.42 -20.75
C THR A 384 -9.78 17.01 -19.40
N SER A 385 -9.72 17.95 -18.46
CA SER A 385 -9.11 17.70 -17.15
C SER A 385 -9.99 16.81 -16.27
N TRP A 386 -9.42 16.34 -15.17
CA TRP A 386 -10.15 15.52 -14.20
C TRP A 386 -11.36 16.26 -13.61
N LYS A 387 -11.36 17.59 -13.68
CA LYS A 387 -12.49 18.40 -13.20
C LYS A 387 -13.54 18.65 -14.30
N ASN A 388 -13.40 17.96 -15.43
CA ASN A 388 -14.36 18.06 -16.55
C ASN A 388 -14.42 19.45 -17.20
N LYS A 389 -13.25 20.01 -17.47
CA LYS A 389 -13.11 21.23 -18.25
C LYS A 389 -11.98 21.04 -19.23
N GLU A 390 -12.04 21.75 -20.36
CA GLU A 390 -10.98 21.67 -21.37
C GLU A 390 -9.73 22.28 -20.77
N TRP A 391 -8.56 21.71 -21.10
CA TRP A 391 -7.34 22.03 -20.38
C TRP A 391 -6.15 22.28 -21.30
N ARG A 392 -5.33 23.27 -20.92
CA ARG A 392 -4.17 23.71 -21.69
C ARG A 392 -2.88 23.62 -20.85
N PRO A 393 -1.82 22.98 -21.41
CA PRO A 393 -0.55 22.91 -20.68
C PRO A 393 0.23 24.23 -20.77
N GLU A 397 -2.95 25.03 -12.95
CA GLU A 397 -3.89 23.93 -12.70
C GLU A 397 -3.43 22.65 -13.39
N PRO A 398 -3.33 21.54 -12.65
CA PRO A 398 -2.93 20.26 -13.23
C PRO A 398 -4.10 19.47 -13.82
N CYS A 399 -3.89 18.86 -14.98
CA CYS A 399 -4.95 18.15 -15.70
C CYS A 399 -5.46 16.90 -14.97
N ALA A 400 -4.61 16.30 -14.14
CA ALA A 400 -4.99 15.18 -13.30
C ALA A 400 -4.82 15.55 -11.85
N HIS A 401 -5.63 14.97 -10.97
CA HIS A 401 -5.44 15.16 -9.54
C HIS A 401 -4.12 14.47 -9.18
N PRO A 402 -3.30 15.08 -8.29
CA PRO A 402 -1.99 14.49 -7.97
C PRO A 402 -2.05 13.11 -7.30
N ASN A 403 -3.18 12.80 -6.65
CA ASN A 403 -3.42 11.45 -6.14
C ASN A 403 -4.30 10.59 -7.05
N SER A 404 -4.49 11.02 -8.31
CA SER A 404 -5.26 10.23 -9.29
C SER A 404 -4.66 8.84 -9.50
N ARG A 405 -5.46 7.91 -10.00
CA ARG A 405 -5.13 6.49 -9.94
C ARG A 405 -5.42 5.69 -11.21
N PHE A 406 -4.69 4.60 -11.38
CA PHE A 406 -5.10 3.49 -12.25
C PHE A 406 -5.35 2.25 -11.40
N CYS A 407 -6.31 1.42 -11.80
CA CYS A 407 -6.65 0.19 -11.08
C CYS A 407 -6.65 -0.97 -12.07
N THR A 408 -5.59 -1.78 -12.01
CA THR A 408 -5.30 -2.72 -13.08
C THR A 408 -4.95 -4.10 -12.54
N PRO A 409 -5.36 -5.16 -13.25
CA PRO A 409 -5.03 -6.53 -12.86
C PRO A 409 -3.54 -6.84 -12.86
N ALA A 410 -3.07 -7.50 -11.82
CA ALA A 410 -1.67 -7.86 -11.68
C ALA A 410 -1.23 -8.85 -12.77
N SER A 411 -2.13 -9.75 -13.16
CA SER A 411 -1.84 -10.76 -14.17
C SER A 411 -1.45 -10.16 -15.53
N GLN A 412 -1.83 -8.91 -15.76
CA GLN A 412 -1.50 -8.20 -17.01
C GLN A 412 -0.11 -7.55 -17.02
N CYS A 413 0.60 -7.58 -15.89
CA CYS A 413 1.97 -7.05 -15.87
C CYS A 413 2.88 -8.00 -16.63
N PRO A 414 3.58 -7.50 -17.67
CA PRO A 414 4.38 -8.39 -18.51
C PRO A 414 5.57 -9.02 -17.80
N ILE A 415 5.94 -8.50 -16.63
CA ILE A 415 6.99 -9.09 -15.82
C ILE A 415 6.46 -9.59 -14.47
N ILE A 416 5.17 -9.89 -14.39
CA ILE A 416 4.61 -10.49 -13.18
C ILE A 416 5.38 -11.80 -12.93
N ASP A 417 5.77 -12.02 -11.69
CA ASP A 417 6.65 -13.13 -11.34
C ASP A 417 5.88 -14.44 -11.52
N PRO A 418 6.55 -15.47 -12.05
CA PRO A 418 5.83 -16.73 -12.23
C PRO A 418 5.40 -17.39 -10.92
N ALA A 419 5.95 -16.97 -9.79
CA ALA A 419 5.54 -17.48 -8.48
C ALA A 419 4.70 -16.48 -7.68
N TRP A 420 4.07 -15.52 -8.35
CA TRP A 420 3.31 -14.46 -7.66
C TRP A 420 2.03 -14.95 -7.00
N GLU A 421 1.54 -16.12 -7.39
CA GLU A 421 0.36 -16.70 -6.74
C GLU A 421 0.64 -18.06 -6.11
N SER A 422 1.92 -18.38 -5.91
CA SER A 422 2.28 -19.65 -5.30
CA SER A 422 2.30 -19.65 -5.29
C SER A 422 1.78 -19.69 -3.86
N PRO A 423 1.00 -20.73 -3.49
CA PRO A 423 0.39 -20.70 -2.16
C PRO A 423 1.36 -20.66 -0.99
N GLU A 424 2.58 -21.18 -1.16
CA GLU A 424 3.60 -21.12 -0.10
C GLU A 424 4.40 -19.81 -0.09
N GLY A 425 4.20 -18.97 -1.10
CA GLY A 425 4.88 -17.66 -1.14
C GLY A 425 6.29 -17.76 -1.67
N VAL A 426 7.02 -16.65 -1.63
CA VAL A 426 8.40 -16.58 -2.10
C VAL A 426 9.36 -16.27 -0.93
N PRO A 427 10.57 -16.84 -0.93
CA PRO A 427 11.52 -16.60 0.15
C PRO A 427 12.24 -15.24 0.07
N ILE A 428 12.00 -14.39 1.05
CA ILE A 428 12.61 -13.06 1.11
C ILE A 428 14.02 -13.17 1.72
N GLU A 429 15.03 -12.74 0.96
CA GLU A 429 16.42 -12.77 1.42
C GLU A 429 16.95 -11.37 1.74
N GLY A 430 16.21 -10.32 1.38
CA GLY A 430 16.59 -8.95 1.73
C GLY A 430 15.41 -8.04 1.96
N ILE A 431 15.58 -7.07 2.85
CA ILE A 431 14.56 -6.07 3.16
C ILE A 431 15.15 -4.67 3.04
N ILE A 432 14.48 -3.83 2.27
CA ILE A 432 15.01 -2.53 1.92
C ILE A 432 14.08 -1.44 2.45
N PHE A 433 14.64 -0.53 3.23
CA PHE A 433 13.93 0.67 3.66
C PHE A 433 14.52 1.85 2.89
N GLY A 434 13.81 2.98 2.87
CA GLY A 434 14.35 4.17 2.19
C GLY A 434 13.41 5.37 2.19
N GLY A 435 13.93 6.51 1.73
CA GLY A 435 13.15 7.73 1.73
C GLY A 435 13.78 8.88 0.98
N ARG A 436 13.05 9.99 0.98
CA ARG A 436 13.39 11.17 0.22
C ARG A 436 14.26 12.10 1.09
N ARG A 437 15.59 11.95 0.98
CA ARG A 437 16.53 12.78 1.73
C ARG A 437 17.47 13.54 0.78
N PRO A 438 17.31 14.87 0.66
CA PRO A 438 18.17 15.61 -0.25
C PRO A 438 19.63 15.64 0.20
N ALA A 439 19.87 15.55 1.51
CA ALA A 439 21.21 15.65 2.06
C ALA A 439 21.52 14.55 3.09
N GLY A 440 22.81 14.24 3.22
CA GLY A 440 23.33 13.47 4.36
C GLY A 440 23.25 11.96 4.29
N VAL A 441 22.26 11.41 3.60
CA VAL A 441 22.04 9.96 3.62
C VAL A 441 22.58 9.31 2.34
N PRO A 442 23.55 8.38 2.50
CA PRO A 442 24.12 7.72 1.33
C PRO A 442 23.13 6.98 0.45
N LEU A 443 23.55 6.74 -0.79
CA LEU A 443 22.74 6.04 -1.78
C LEU A 443 22.22 4.70 -1.24
N VAL A 444 23.12 3.92 -0.67
CA VAL A 444 22.76 2.64 -0.04
C VAL A 444 23.68 2.32 1.14
N TYR A 445 23.10 1.75 2.19
CA TYR A 445 23.89 1.12 3.23
C TYR A 445 23.20 -0.12 3.78
N GLU A 446 23.99 -0.94 4.48
CA GLU A 446 23.54 -2.21 5.02
C GLU A 446 23.66 -2.21 6.54
N ALA A 447 22.55 -2.53 7.20
CA ALA A 447 22.50 -2.60 8.65
C ALA A 447 23.49 -3.62 9.20
N LEU A 448 24.02 -3.35 10.39
CA LEU A 448 25.08 -4.14 11.01
C LEU A 448 24.55 -5.44 11.60
N SER A 449 23.24 -5.50 11.83
CA SER A 449 22.60 -6.66 12.43
C SER A 449 21.10 -6.50 12.29
N TRP A 450 20.35 -7.49 12.76
CA TRP A 450 18.89 -7.45 12.74
C TRP A 450 18.41 -6.32 13.63
N GLN A 451 18.97 -6.22 14.83
CA GLN A 451 18.58 -5.18 15.79
C GLN A 451 18.86 -3.79 15.19
N HIS A 452 20.03 -3.61 14.58
CA HIS A 452 20.33 -2.34 13.92
C HIS A 452 19.36 -2.10 12.77
N GLY A 453 19.07 -3.16 12.03
CA GLY A 453 18.14 -3.08 10.91
C GLY A 453 16.74 -2.66 11.30
N VAL A 454 16.26 -3.16 12.45
CA VAL A 454 14.95 -2.76 12.97
C VAL A 454 14.99 -1.27 13.37
N PHE A 455 16.12 -0.83 13.93
CA PHE A 455 16.32 0.60 14.25
C PHE A 455 16.31 1.50 13.01
N VAL A 456 16.87 1.00 11.91
CA VAL A 456 16.90 1.76 10.65
C VAL A 456 15.48 2.00 10.14
N GLY A 457 14.66 0.94 10.14
CA GLY A 457 13.24 1.09 9.83
C GLY A 457 12.55 2.07 10.75
N ALA A 458 12.84 1.96 12.05
CA ALA A 458 12.22 2.81 13.06
C ALA A 458 12.55 4.28 12.83
N ALA A 459 13.74 4.53 12.29
CA ALA A 459 14.28 5.87 12.12
C ALA A 459 13.92 6.53 10.79
N MET A 460 13.15 5.87 9.93
CA MET A 460 12.91 6.38 8.58
C MET A 460 12.34 7.79 8.60
N ARG A 461 12.92 8.66 7.79
CA ARG A 461 12.41 9.99 7.56
C ARG A 461 12.40 10.28 6.05
N SER A 462 11.48 11.13 5.62
CA SER A 462 11.37 11.43 4.20
C SER A 462 10.80 12.83 3.99
N GLU A 463 11.32 13.54 2.99
CA GLU A 463 10.82 14.87 2.65
C GLU A 463 9.43 14.77 2.02
N ALA A 464 8.48 15.54 2.54
CA ALA A 464 7.14 15.60 1.95
C ALA A 464 7.18 16.26 0.57
N THR A 465 6.06 16.26 -0.13
CA THR A 465 5.98 16.83 -1.48
C THR A 465 5.51 18.28 -1.45
N GLY A 472 8.22 26.16 2.17
CA GLY A 472 9.40 25.38 2.55
C GLY A 472 9.08 23.90 2.68
N LYS A 473 10.10 23.07 2.50
CA LYS A 473 9.92 21.62 2.59
C LYS A 473 9.90 21.15 4.04
N VAL A 474 9.32 19.98 4.24
CA VAL A 474 9.22 19.37 5.57
C VAL A 474 9.74 17.95 5.46
N ILE A 475 10.55 17.53 6.43
CA ILE A 475 10.99 16.14 6.51
C ILE A 475 10.25 15.49 7.67
N MET A 476 9.52 14.42 7.37
CA MET A 476 8.63 13.75 8.31
C MET A 476 9.15 12.36 8.64
N HIS A 477 8.83 11.87 9.83
CA HIS A 477 9.07 10.49 10.19
C HIS A 477 7.98 9.60 9.63
N ASP A 478 8.38 8.48 9.03
CA ASP A 478 7.46 7.45 8.59
C ASP A 478 8.11 6.09 8.86
N PRO A 479 8.09 5.66 10.13
CA PRO A 479 8.77 4.41 10.49
C PRO A 479 8.19 3.19 9.77
N PHE A 480 9.06 2.42 9.11
CA PHE A 480 8.68 1.25 8.30
C PHE A 480 7.70 1.55 7.16
N ALA A 481 7.56 2.82 6.80
CA ALA A 481 6.50 3.26 5.88
C ALA A 481 5.10 2.91 6.41
N MET A 482 4.96 2.73 7.72
CA MET A 482 3.70 2.27 8.31
C MET A 482 2.98 3.33 9.14
N ARG A 483 3.43 4.58 9.11
CA ARG A 483 2.86 5.60 10.02
C ARG A 483 1.33 5.69 9.95
N PRO A 484 0.75 5.69 8.74
CA PRO A 484 -0.71 5.71 8.61
C PRO A 484 -1.40 4.35 8.78
N PHE A 485 -0.63 3.29 9.00
CA PHE A 485 -1.14 1.93 8.83
C PHE A 485 -0.96 0.98 10.03
N PHE A 486 -0.30 1.41 11.10
CA PHE A 486 -0.12 0.53 12.27
C PHE A 486 -1.46 0.06 12.82
N GLY A 487 -1.62 -1.25 12.94
CA GLY A 487 -2.84 -1.81 13.52
C GLY A 487 -2.89 -1.70 15.03
N TYR A 488 -1.73 -1.43 15.64
CA TYR A 488 -1.56 -1.43 17.08
C TYR A 488 -0.33 -0.64 17.47
N ASN A 489 -0.06 -0.60 18.78
CA ASN A 489 1.05 0.13 19.38
C ASN A 489 2.39 -0.10 18.68
N PHE A 490 2.99 0.99 18.20
CA PHE A 490 4.23 0.95 17.43
C PHE A 490 5.40 0.41 18.24
N GLY A 491 5.44 0.71 19.54
CA GLY A 491 6.44 0.12 20.42
C GLY A 491 6.38 -1.41 20.43
N LYS A 492 5.17 -1.94 20.55
CA LYS A 492 4.95 -3.38 20.51
C LYS A 492 5.25 -3.96 19.13
N TYR A 493 4.98 -3.17 18.10
CA TYR A 493 5.34 -3.54 16.73
C TYR A 493 6.87 -3.70 16.63
N LEU A 494 7.61 -2.74 17.15
CA LEU A 494 9.07 -2.87 17.22
C LEU A 494 9.50 -4.13 18.00
N ALA A 495 8.88 -4.36 19.15
CA ALA A 495 9.18 -5.56 19.96
C ALA A 495 8.90 -6.83 19.16
N HIS A 496 7.86 -6.79 18.34
CA HIS A 496 7.49 -7.93 17.51
C HIS A 496 8.58 -8.25 16.47
N TRP A 497 9.02 -7.23 15.75
CA TRP A 497 10.13 -7.36 14.82
C TRP A 497 11.38 -7.94 15.48
N LEU A 498 11.72 -7.46 16.67
CA LEU A 498 12.92 -7.91 17.37
C LEU A 498 12.80 -9.36 17.83
N SER A 499 11.59 -9.80 18.17
CA SER A 499 11.35 -11.18 18.62
C SER A 499 11.81 -12.20 17.58
N MET A 500 11.73 -11.83 16.30
CA MET A 500 12.13 -12.72 15.21
C MET A 500 13.55 -13.27 15.38
N ALA A 501 14.44 -12.47 15.96
CA ALA A 501 15.82 -12.91 16.27
C ALA A 501 15.89 -14.09 17.24
N HIS A 502 14.78 -14.36 17.94
CA HIS A 502 14.73 -15.46 18.90
C HIS A 502 13.81 -16.59 18.45
N ARG A 503 13.36 -16.53 17.20
CA ARG A 503 12.53 -17.59 16.62
C ARG A 503 13.44 -18.74 16.21
N PRO A 504 12.90 -19.98 16.25
CA PRO A 504 13.72 -21.20 16.31
C PRO A 504 14.77 -21.33 15.20
N ALA A 505 14.35 -21.48 13.95
CA ALA A 505 15.29 -21.66 12.84
C ALA A 505 15.34 -20.44 11.90
N ALA A 506 14.89 -19.28 12.39
CA ALA A 506 14.66 -18.11 11.54
C ALA A 506 15.93 -17.65 10.81
N LYS A 507 15.91 -17.73 9.49
CA LYS A 507 16.97 -17.14 8.66
C LYS A 507 16.60 -15.69 8.47
N LEU A 508 17.19 -14.82 9.27
CA LEU A 508 16.89 -13.39 9.24
C LEU A 508 17.46 -12.76 7.99
N PRO A 509 16.64 -12.06 7.20
CA PRO A 509 17.16 -11.42 5.99
C PRO A 509 18.03 -10.18 6.24
N LYS A 510 18.89 -9.90 5.26
CA LYS A 510 19.75 -8.73 5.31
C LYS A 510 18.88 -7.49 5.14
N ILE A 511 19.12 -6.49 5.97
CA ILE A 511 18.39 -5.24 5.91
C ILE A 511 19.26 -4.15 5.29
N PHE A 512 18.68 -3.43 4.33
CA PHE A 512 19.36 -2.35 3.60
C PHE A 512 18.55 -1.07 3.71
N HIS A 513 19.19 0.07 3.47
CA HIS A 513 18.51 1.38 3.39
C HIS A 513 19.02 2.13 2.16
N VAL A 514 18.10 2.77 1.43
CA VAL A 514 18.43 3.44 0.17
C VAL A 514 17.88 4.85 0.11
N ASN A 515 18.60 5.70 -0.61
CA ASN A 515 18.18 7.06 -0.86
C ASN A 515 18.47 7.38 -2.32
N TRP A 516 17.41 7.43 -3.13
CA TRP A 516 17.51 7.82 -4.53
C TRP A 516 17.60 9.34 -4.66
N PHE A 517 17.25 10.05 -3.59
CA PHE A 517 16.88 11.46 -3.66
C PHE A 517 18.03 12.42 -3.33
N ARG A 518 19.24 11.90 -3.16
CA ARG A 518 20.35 12.75 -2.71
C ARG A 518 20.75 13.77 -3.78
N LYS A 519 20.85 15.03 -3.37
CA LYS A 519 21.18 16.12 -4.26
C LYS A 519 22.55 16.67 -3.97
N ASP A 520 23.18 17.27 -4.98
CA ASP A 520 24.44 18.01 -4.76
C ASP A 520 24.13 19.41 -4.22
N LYS A 521 25.14 20.27 -4.18
CA LYS A 521 24.98 21.63 -3.65
C LYS A 521 23.98 22.46 -4.45
N ASN A 522 23.87 22.18 -5.75
CA ASN A 522 23.00 22.93 -6.65
C ASN A 522 21.52 22.51 -6.62
N GLY A 523 21.23 21.38 -6.00
CA GLY A 523 19.88 20.82 -5.94
C GLY A 523 19.62 19.71 -6.95
N LYS A 524 20.68 19.27 -7.63
CA LYS A 524 20.57 18.25 -8.68
C LYS A 524 20.78 16.85 -8.10
N PHE A 525 19.96 15.89 -8.52
CA PHE A 525 20.14 14.51 -8.08
C PHE A 525 21.53 14.00 -8.43
N LEU A 526 22.16 13.32 -7.47
CA LEU A 526 23.49 12.77 -7.64
C LEU A 526 23.44 11.38 -8.27
N TRP A 527 22.27 10.74 -8.22
CA TRP A 527 22.08 9.42 -8.79
C TRP A 527 21.04 9.51 -9.93
N PRO A 528 21.32 8.87 -11.08
CA PRO A 528 20.36 8.89 -12.20
C PRO A 528 19.08 8.08 -11.96
N GLY A 529 19.17 7.02 -11.16
CA GLY A 529 18.00 6.26 -10.75
C GLY A 529 17.37 5.42 -11.86
N PHE A 530 16.04 5.30 -11.81
CA PHE A 530 15.27 4.49 -12.75
C PHE A 530 15.84 3.06 -12.83
N GLY A 531 16.11 2.58 -14.04
CA GLY A 531 16.68 1.25 -14.26
C GLY A 531 18.12 1.10 -13.81
N GLU A 532 18.77 2.22 -13.49
CA GLU A 532 20.14 2.17 -12.96
C GLU A 532 20.15 1.72 -11.51
N ASN A 533 19.00 1.80 -10.84
CA ASN A 533 18.87 1.26 -9.48
C ASN A 533 19.15 -0.25 -9.42
N SER A 534 19.12 -0.91 -10.57
CA SER A 534 19.55 -2.30 -10.70
C SER A 534 20.98 -2.51 -10.22
N ARG A 535 21.82 -1.48 -10.35
CA ARG A 535 23.22 -1.54 -9.93
C ARG A 535 23.34 -1.66 -8.41
N VAL A 536 22.47 -0.95 -7.69
CA VAL A 536 22.40 -1.06 -6.24
C VAL A 536 21.84 -2.44 -5.84
N LEU A 537 20.81 -2.90 -6.55
CA LEU A 537 20.28 -4.24 -6.31
C LEU A 537 21.33 -5.34 -6.53
N GLU A 538 22.21 -5.17 -7.52
CA GLU A 538 23.32 -6.12 -7.72
C GLU A 538 24.20 -6.21 -6.48
N TRP A 539 24.50 -5.06 -5.87
CA TRP A 539 25.34 -5.01 -4.68
C TRP A 539 24.67 -5.71 -3.50
N MET A 540 23.38 -5.43 -3.30
CA MET A 540 22.60 -6.10 -2.28
C MET A 540 22.68 -7.62 -2.48
N PHE A 541 22.43 -8.04 -3.72
CA PHE A 541 22.47 -9.45 -4.12
C PHE A 541 23.78 -10.10 -3.68
N GLY A 542 24.90 -9.45 -4.01
CA GLY A 542 26.22 -9.99 -3.69
C GLY A 542 26.53 -10.07 -2.21
N ARG A 543 26.04 -9.09 -1.45
CA ARG A 543 26.19 -9.09 -0.01
C ARG A 543 25.40 -10.22 0.65
N ILE A 544 24.22 -10.50 0.11
CA ILE A 544 23.43 -11.65 0.58
C ILE A 544 24.20 -12.94 0.33
N GLU A 545 24.99 -12.97 -0.75
CA GLU A 545 25.80 -14.13 -1.10
CA GLU A 545 25.79 -14.14 -1.09
C GLU A 545 27.06 -14.25 -0.24
N GLY A 546 27.26 -13.28 0.66
CA GLY A 546 28.42 -13.26 1.54
C GLY A 546 29.66 -12.66 0.91
N GLU A 547 29.50 -11.79 -0.09
CA GLU A 547 30.66 -11.18 -0.76
C GLU A 547 31.32 -10.12 0.11
N ASP A 548 32.61 -9.89 -0.15
CA ASP A 548 33.45 -8.95 0.61
C ASP A 548 33.49 -7.61 -0.13
N SER A 549 32.32 -7.05 -0.37
CA SER A 549 32.17 -5.84 -1.18
C SER A 549 31.82 -4.60 -0.34
N ALA A 550 31.91 -4.74 0.98
CA ALA A 550 31.43 -3.72 1.92
C ALA A 550 32.55 -3.04 2.70
N LYS A 551 32.31 -1.78 3.04
CA LYS A 551 33.16 -1.00 3.93
C LYS A 551 32.33 -0.61 5.13
N LEU A 552 32.93 -0.72 6.31
CA LEU A 552 32.26 -0.36 7.55
C LEU A 552 32.29 1.14 7.76
N THR A 553 31.13 1.73 8.02
CA THR A 553 31.01 3.13 8.43
C THR A 553 30.20 3.18 9.75
N PRO A 554 30.11 4.36 10.39
CA PRO A 554 29.30 4.51 11.59
C PRO A 554 27.79 4.21 11.45
N ILE A 555 27.24 4.36 10.23
CA ILE A 555 25.81 4.15 10.02
C ILE A 555 25.51 2.75 9.46
N GLY A 556 26.56 1.95 9.26
CA GLY A 556 26.43 0.64 8.60
C GLY A 556 27.45 0.46 7.49
N TYR A 557 27.26 -0.61 6.73
CA TYR A 557 28.17 -0.95 5.63
C TYR A 557 27.73 -0.21 4.37
N VAL A 558 28.70 0.31 3.62
CA VAL A 558 28.45 0.88 2.30
C VAL A 558 29.30 0.10 1.29
N PRO A 559 29.01 0.25 -0.02
CA PRO A 559 29.88 -0.38 -1.00
C PRO A 559 31.29 0.19 -0.90
N LYS A 560 32.29 -0.69 -0.84
CA LYS A 560 33.67 -0.23 -0.78
C LYS A 560 34.14 0.22 -2.15
N GLU A 561 35.35 0.79 -2.20
CA GLU A 561 35.88 1.39 -3.43
C GLU A 561 35.64 0.50 -4.66
N ASP A 562 34.95 1.07 -5.66
CA ASP A 562 34.70 0.38 -6.94
C ASP A 562 33.80 -0.86 -6.85
N ALA A 563 33.11 -1.06 -5.72
CA ALA A 563 32.27 -2.25 -5.55
C ALA A 563 31.07 -2.24 -6.50
N LEU A 564 30.46 -1.07 -6.67
CA LEU A 564 29.34 -0.90 -7.60
C LEU A 564 29.77 -1.05 -9.05
N ASN A 565 28.84 -1.49 -9.88
CA ASN A 565 29.02 -1.42 -11.33
C ASN A 565 28.54 -0.06 -11.79
N LEU A 566 29.48 0.77 -12.25
CA LEU A 566 29.18 2.12 -12.71
C LEU A 566 29.44 2.28 -14.20
N LYS A 567 29.62 1.16 -14.89
CA LYS A 567 29.95 1.19 -16.31
C LYS A 567 28.75 1.63 -17.12
N GLY A 568 29.01 2.49 -18.11
CA GLY A 568 27.96 3.06 -18.95
C GLY A 568 27.31 4.30 -18.38
N LEU A 569 27.76 4.75 -17.20
CA LEU A 569 27.19 5.93 -16.55
C LEU A 569 28.06 7.18 -16.68
N GLY A 570 29.36 6.98 -16.92
CA GLY A 570 30.30 8.08 -16.89
C GLY A 570 30.61 8.44 -15.46
N ASP A 571 30.97 9.71 -15.24
CA ASP A 571 31.52 10.14 -13.96
C ASP A 571 30.44 10.50 -12.94
N VAL A 572 29.95 9.50 -12.22
CA VAL A 572 29.08 9.73 -11.06
C VAL A 572 29.94 10.09 -9.85
N ASN A 573 29.54 11.13 -9.11
CA ASN A 573 30.30 11.60 -7.95
C ASN A 573 30.05 10.72 -6.71
N VAL A 574 30.81 9.63 -6.60
CA VAL A 574 30.59 8.66 -5.51
C VAL A 574 30.98 9.18 -4.13
N GLU A 575 31.92 10.13 -4.07
CA GLU A 575 32.33 10.72 -2.79
C GLU A 575 31.17 11.41 -2.12
N GLU A 576 30.51 12.32 -2.84
CA GLU A 576 29.35 13.02 -2.31
C GLU A 576 28.17 12.06 -2.08
N LEU A 577 27.98 11.15 -3.03
CA LEU A 577 26.85 10.23 -3.00
C LEU A 577 26.93 9.24 -1.82
N PHE A 578 28.15 8.98 -1.34
CA PHE A 578 28.37 8.15 -0.16
C PHE A 578 29.02 8.93 0.98
N GLY A 579 29.08 10.24 0.85
CA GLY A 579 29.61 11.10 1.90
C GLY A 579 28.80 10.95 3.16
N ILE A 580 29.49 10.82 4.28
CA ILE A 580 28.89 10.77 5.60
C ILE A 580 29.53 11.87 6.44
N SER A 581 28.74 12.86 6.84
CA SER A 581 29.22 13.97 7.67
C SER A 581 28.85 13.78 9.14
N LYS A 582 29.84 13.93 10.03
CA LYS A 582 29.63 13.88 11.47
C LYS A 582 28.59 14.89 11.95
N GLU A 583 28.71 16.13 11.50
CA GLU A 583 27.81 17.20 11.94
C GLU A 583 26.36 16.92 11.53
N PHE A 584 26.15 16.34 10.34
CA PHE A 584 24.81 15.96 9.90
C PHE A 584 24.25 14.81 10.74
N TRP A 585 25.07 13.78 10.94
CA TRP A 585 24.62 12.58 11.64
C TRP A 585 24.46 12.76 13.14
N GLU A 586 25.25 13.64 13.73
CA GLU A 586 25.02 14.11 15.11
C GLU A 586 23.62 14.69 15.25
N LYS A 587 23.29 15.59 14.31
CA LYS A 587 21.97 16.23 14.26
C LYS A 587 20.88 15.18 14.04
N GLU A 588 21.17 14.20 13.19
CA GLU A 588 20.21 13.15 12.83
C GLU A 588 19.83 12.26 14.01
N VAL A 589 20.85 11.71 14.69
CA VAL A 589 20.60 10.86 15.86
C VAL A 589 19.91 11.61 16.98
N GLU A 590 20.26 12.88 17.17
CA GLU A 590 19.59 13.71 18.17
C GLU A 590 18.10 13.83 17.87
N GLU A 591 17.77 14.17 16.63
CA GLU A 591 16.39 14.35 16.20
C GLU A 591 15.57 13.05 16.32
N ILE A 592 16.20 11.93 15.96
CA ILE A 592 15.61 10.59 16.07
C ILE A 592 15.38 10.22 17.53
N ASP A 593 16.34 10.56 18.39
CA ASP A 593 16.25 10.29 19.82
C ASP A 593 14.99 10.91 20.39
N LYS A 594 14.83 12.19 20.13
CA LYS A 594 13.72 12.96 20.67
C LYS A 594 12.41 12.49 20.09
N TYR A 595 12.43 12.05 18.84
CA TYR A 595 11.22 11.52 18.21
C TYR A 595 10.78 10.22 18.90
N LEU A 596 11.70 9.28 19.06
CA LEU A 596 11.37 7.98 19.67
C LEU A 596 10.96 8.17 21.13
N GLU A 597 11.67 9.04 21.85
CA GLU A 597 11.35 9.32 23.25
C GLU A 597 9.94 9.88 23.37
N ASP A 598 9.62 10.87 22.53
CA ASP A 598 8.31 11.48 22.56
C ASP A 598 7.22 10.52 22.10
N GLN A 599 7.39 9.95 20.92
CA GLN A 599 6.30 9.21 20.26
C GLN A 599 6.15 7.78 20.72
N VAL A 600 7.23 7.14 21.16
CA VAL A 600 7.16 5.73 21.60
C VAL A 600 7.24 5.61 23.11
N ASN A 601 8.06 6.47 23.73
CA ASN A 601 7.98 6.73 25.17
C ASN A 601 8.19 5.44 25.99
N ALA A 602 7.23 5.07 26.84
CA ALA A 602 7.40 3.91 27.72
C ALA A 602 7.43 2.60 26.95
N ASP A 603 6.97 2.60 25.70
CA ASP A 603 6.91 1.38 24.90
C ASP A 603 8.11 1.18 23.96
N LEU A 604 9.11 2.04 24.04
CA LEU A 604 10.31 1.88 23.22
C LEU A 604 11.09 0.68 23.75
N PRO A 605 11.32 -0.35 22.92
CA PRO A 605 12.10 -1.50 23.39
C PRO A 605 13.55 -1.15 23.72
N TYR A 606 14.09 -1.84 24.73
CA TYR A 606 15.48 -1.70 25.18
C TYR A 606 16.46 -1.69 24.00
N GLU A 607 16.27 -2.65 23.11
CA GLU A 607 17.19 -2.86 22.00
C GLU A 607 17.27 -1.72 21.00
N ILE A 608 16.16 -0.99 20.85
CA ILE A 608 16.13 0.20 19.97
C ILE A 608 16.86 1.37 20.63
N GLU A 609 16.62 1.59 21.92
CA GLU A 609 17.39 2.59 22.68
C GLU A 609 18.88 2.24 22.63
N ARG A 610 19.22 0.95 22.74
CA ARG A 610 20.60 0.53 22.65
C ARG A 610 21.24 0.85 21.29
N GLU A 611 20.51 0.61 20.19
CA GLU A 611 21.01 0.94 18.84
C GLU A 611 21.21 2.43 18.66
N LEU A 612 20.30 3.21 19.25
CA LEU A 612 20.38 4.64 19.26
C LEU A 612 21.68 5.12 19.93
N ARG A 613 21.93 4.60 21.13
CA ARG A 613 23.14 4.92 21.89
C ARG A 613 24.41 4.52 21.12
N ALA A 614 24.39 3.33 20.52
CA ALA A 614 25.53 2.81 19.76
C ALA A 614 25.83 3.68 18.54
N LEU A 615 24.79 4.05 17.80
CA LEU A 615 24.95 4.95 16.69
C LEU A 615 25.55 6.28 17.16
N LYS A 616 24.94 6.89 18.18
CA LYS A 616 25.48 8.14 18.76
C LYS A 616 26.95 8.00 19.09
N GLN A 617 27.30 6.85 19.66
CA GLN A 617 28.67 6.59 20.09
C GLN A 617 29.61 6.46 18.89
N ARG A 618 29.22 5.72 17.86
CA ARG A 618 30.09 5.59 16.69
C ARG A 618 30.31 6.95 16.02
N ILE A 619 29.28 7.78 15.99
CA ILE A 619 29.37 9.11 15.39
C ILE A 619 30.35 10.00 16.17
N SER A 620 30.22 9.99 17.49
CA SER A 620 31.07 10.83 18.35
C SER A 620 32.56 10.54 18.17
N GLN A 621 32.89 9.33 17.71
CA GLN A 621 34.29 8.94 17.47
C GLN A 621 34.78 9.30 16.07
N MET A 622 33.92 9.87 15.23
CA MET A 622 34.35 10.33 13.92
C MET A 622 35.31 11.51 14.06
#